data_6J9A
#
_entry.id   6J9A
#
_cell.length_a   59.157
_cell.length_b   59.157
_cell.length_c   97.393
_cell.angle_alpha   90.00
_cell.angle_beta   90.00
_cell.angle_gamma   90.00
#
_symmetry.space_group_name_H-M   'P 43'
#
loop_
_entity.id
_entity.type
_entity.pdbx_description
1 polymer 'B3 domain-containing transcription repressor VAL1'
2 polymer "DNA (5'-D(*AP*TP*TP*CP*TP*GP*CP*AP*TP*GP*GP*AP*TP*TP*G)-3')"
3 polymer "DNA (5'-D(*AP*AP*TP*CP*CP*AP*TP*GP*CP*AP*GP*AP*AP*TP*C)-3')"
#
loop_
_entity_poly.entity_id
_entity_poly.type
_entity_poly.pdbx_seq_one_letter_code
_entity_poly.pdbx_strand_id
1 'polypeptide(L)'
;SPKYTDKEVQQISGNLNLNIVPLFEKTLSASDAGRIGRLVLPKACAEAYFPPISQSEGIPLKIQDVRGREWTFQFRYWPN
NNSR(MSE)YVLEGVTPCIQS(MSE)(MSE)LQAGDTVTFSRVDPGGKLI(MSE)GSRKAANAGD(MSE)QG
;
A
2 'polydeoxyribonucleotide' (DA)(DT)(DT)(DC)(DT)(DG)(DC)(DA)(DT)(DG)(DG)(DA)(DT)(DT)(DG) B
3 'polydeoxyribonucleotide' (DA)(DA)(DT)(DC)(DC)(DA)(DT)(DG)(DC)(DA)(DG)(DA)(DA)(DT)(DC) C
#
# COMPACT_ATOMS: atom_id res chain seq x y z
N ILE A 20 2.06 7.17 16.42
CA ILE A 20 1.74 7.34 15.01
C ILE A 20 3.04 7.36 14.18
N VAL A 21 3.76 6.27 14.28
CA VAL A 21 5.00 6.16 13.59
C VAL A 21 4.67 6.19 12.12
N PRO A 22 5.39 7.00 11.34
CA PRO A 22 5.22 7.03 9.91
C PRO A 22 6.17 6.06 9.28
N LEU A 23 5.81 5.45 8.17
CA LEU A 23 6.71 4.43 7.61
C LEU A 23 7.30 4.65 6.23
N PHE A 24 6.42 4.88 5.26
CA PHE A 24 6.84 5.06 3.92
C PHE A 24 6.01 5.86 3.03
N GLU A 25 6.61 6.19 1.94
CA GLU A 25 5.97 7.04 0.95
C GLU A 25 6.11 6.52 -0.44
N LYS A 26 5.13 6.65 -1.31
CA LYS A 26 5.31 6.24 -2.70
C LYS A 26 4.54 7.01 -3.72
N THR A 27 5.20 7.74 -4.60
CA THR A 27 4.54 8.54 -5.61
C THR A 27 3.85 7.63 -6.62
N LEU A 28 2.53 7.74 -6.73
CA LEU A 28 1.78 6.79 -7.55
C LEU A 28 2.20 6.92 -9.00
N SER A 29 2.64 5.82 -9.58
CA SER A 29 2.91 5.83 -11.01
C SER A 29 1.59 5.73 -11.78
N ALA A 30 1.68 5.79 -13.11
CA ALA A 30 0.48 5.68 -13.92
C ALA A 30 -0.25 4.36 -13.66
N SER A 31 0.50 3.28 -13.47
CA SER A 31 -0.10 1.97 -13.24
C SER A 31 -0.76 1.90 -11.87
N ASP A 32 -0.14 2.51 -10.84
CA ASP A 32 -0.76 2.48 -9.51
C ASP A 32 -2.03 3.32 -9.49
N ALA A 33 -1.99 4.50 -10.08
CA ALA A 33 -3.15 5.38 -10.01
C ALA A 33 -4.24 5.00 -10.98
N GLY A 34 -3.94 4.15 -11.96
CA GLY A 34 -4.93 3.70 -12.92
C GLY A 34 -5.85 2.62 -12.39
N ARG A 35 -6.78 2.24 -13.23
CA ARG A 35 -7.84 1.32 -12.83
C ARG A 35 -7.39 -0.14 -12.81
N ILE A 36 -6.11 -0.43 -13.02
CA ILE A 36 -5.64 -1.82 -13.05
C ILE A 36 -5.92 -2.51 -11.73
N GLY A 37 -5.74 -1.78 -10.62
CA GLY A 37 -6.09 -2.28 -9.31
C GLY A 37 -4.94 -2.66 -8.41
N ARG A 38 -3.69 -2.46 -8.85
CA ARG A 38 -2.51 -2.95 -8.16
C ARG A 38 -1.55 -1.80 -7.95
N LEU A 39 -1.24 -1.51 -6.68
CA LEU A 39 -0.21 -0.55 -6.32
C LEU A 39 1.01 -1.33 -5.86
N VAL A 40 2.12 -1.17 -6.57
CA VAL A 40 3.33 -1.89 -6.19
C VAL A 40 3.91 -1.24 -4.93
N LEU A 41 4.45 -2.07 -4.04
CA LEU A 41 5.14 -1.50 -2.90
C LEU A 41 6.64 -1.68 -3.09
N PRO A 42 7.45 -0.66 -2.79
CA PRO A 42 8.90 -0.85 -2.85
C PRO A 42 9.29 -2.07 -2.05
N LYS A 43 10.00 -3.02 -2.66
CA LYS A 43 10.37 -4.27 -1.98
C LYS A 43 10.89 -3.99 -0.58
N ALA A 44 11.85 -3.07 -0.47
CA ALA A 44 12.43 -2.70 0.81
C ALA A 44 11.36 -2.22 1.78
N CYS A 45 10.46 -1.36 1.31
CA CYS A 45 9.39 -0.85 2.16
C CYS A 45 8.48 -1.97 2.61
N ALA A 46 7.94 -2.73 1.66
CA ALA A 46 7.01 -3.79 2.01
C ALA A 46 7.62 -4.83 2.93
N GLU A 47 8.95 -4.95 2.93
CA GLU A 47 9.61 -5.95 3.76
C GLU A 47 10.05 -5.40 5.11
N ALA A 48 10.31 -4.11 5.21
CA ALA A 48 10.63 -3.53 6.50
C ALA A 48 9.39 -3.15 7.30
N TYR A 49 8.26 -2.88 6.66
CA TYR A 49 7.14 -2.23 7.30
C TYR A 49 5.82 -3.00 7.25
N PHE A 50 5.57 -3.75 6.20
CA PHE A 50 4.36 -4.56 6.17
C PHE A 50 4.65 -5.94 6.76
N PRO A 51 3.62 -6.65 7.20
CA PRO A 51 3.84 -7.99 7.75
C PRO A 51 4.62 -8.87 6.78
N PRO A 52 5.54 -9.68 7.28
CA PRO A 52 6.22 -10.63 6.40
C PRO A 52 5.22 -11.64 5.90
N ILE A 53 5.33 -12.00 4.64
CA ILE A 53 4.46 -13.00 4.05
C ILE A 53 5.31 -14.16 3.56
N SER A 54 4.91 -15.38 3.91
CA SER A 54 5.62 -16.55 3.40
C SER A 54 5.12 -16.92 2.00
N GLN A 55 3.82 -17.18 1.88
CA GLN A 55 3.24 -17.62 0.62
C GLN A 55 3.01 -16.45 -0.32
N SER A 56 2.87 -16.76 -1.61
CA SER A 56 2.69 -15.73 -2.62
C SER A 56 1.29 -15.13 -2.63
N GLU A 57 0.28 -15.90 -2.20
CA GLU A 57 -1.08 -15.38 -2.20
C GLU A 57 -1.22 -14.20 -1.25
N GLY A 58 -0.60 -14.28 -0.07
CA GLY A 58 -0.48 -13.12 0.79
C GLY A 58 -1.58 -12.97 1.83
N ILE A 59 -1.56 -11.82 2.49
CA ILE A 59 -2.46 -11.57 3.61
C ILE A 59 -3.49 -10.51 3.24
N PRO A 60 -4.75 -10.69 3.62
CA PRO A 60 -5.69 -9.56 3.58
C PRO A 60 -5.22 -8.50 4.56
N LEU A 61 -4.97 -7.31 4.06
CA LEU A 61 -4.37 -6.23 4.83
C LEU A 61 -5.39 -5.10 4.95
N LYS A 62 -5.67 -4.68 6.18
CA LYS A 62 -6.70 -3.70 6.47
C LYS A 62 -6.02 -2.38 6.80
N ILE A 63 -6.13 -1.42 5.90
CA ILE A 63 -5.64 -0.08 6.14
C ILE A 63 -6.86 0.80 6.39
N GLN A 64 -6.63 1.99 6.92
CA GLN A 64 -7.69 2.98 7.00
C GLN A 64 -7.12 4.34 6.67
N ASP A 65 -7.96 5.22 6.13
CA ASP A 65 -7.49 6.50 5.64
C ASP A 65 -7.64 7.55 6.74
N VAL A 66 -7.57 8.82 6.35
CA VAL A 66 -7.61 9.94 7.30
C VAL A 66 -9.02 10.13 7.87
N ARG A 67 -10.04 9.79 7.10
CA ARG A 67 -11.40 9.79 7.61
C ARG A 67 -11.76 8.50 8.36
N GLY A 68 -10.76 7.67 8.70
CA GLY A 68 -11.00 6.46 9.47
C GLY A 68 -11.80 5.38 8.78
N ARG A 69 -12.04 5.50 7.47
CA ARG A 69 -12.72 4.44 6.73
C ARG A 69 -11.75 3.29 6.48
N GLU A 70 -12.11 2.10 6.92
CA GLU A 70 -11.25 0.93 6.76
C GLU A 70 -11.43 0.38 5.34
N TRP A 71 -10.37 0.42 4.55
CA TRP A 71 -10.30 -0.28 3.28
C TRP A 71 -9.47 -1.54 3.47
N THR A 72 -9.69 -2.50 2.57
CA THR A 72 -9.04 -3.80 2.66
C THR A 72 -8.42 -4.14 1.32
N PHE A 73 -7.11 -4.32 1.31
CA PHE A 73 -6.38 -4.74 0.12
C PHE A 73 -5.87 -6.16 0.29
N GLN A 74 -5.37 -6.72 -0.79
CA GLN A 74 -4.67 -8.00 -0.75
C GLN A 74 -3.18 -7.72 -0.90
N PHE A 75 -2.43 -7.94 0.18
CA PHE A 75 -0.98 -7.76 0.17
C PHE A 75 -0.36 -9.06 -0.30
N ARG A 76 0.16 -9.07 -1.52
CA ARG A 76 0.72 -10.28 -2.08
C ARG A 76 2.03 -9.94 -2.78
N TYR A 77 2.70 -10.96 -3.29
CA TYR A 77 3.85 -10.77 -4.13
C TYR A 77 3.78 -11.75 -5.29
N TRP A 78 4.64 -11.50 -6.27
CA TRP A 78 4.89 -12.45 -7.34
C TRP A 78 6.37 -12.80 -7.36
N PRO A 79 6.73 -13.91 -7.99
CA PRO A 79 8.14 -14.14 -8.33
C PRO A 79 8.59 -13.17 -9.41
N ASN A 80 9.89 -12.82 -9.34
CA ASN A 80 10.44 -11.84 -10.26
C ASN A 80 11.96 -12.05 -10.24
N ASN A 81 12.44 -12.88 -11.18
CA ASN A 81 13.87 -13.18 -11.33
C ASN A 81 14.47 -13.74 -10.05
N ASN A 82 13.73 -14.67 -9.42
CA ASN A 82 14.10 -15.29 -8.14
C ASN A 82 13.98 -14.32 -6.97
N SER A 83 13.64 -13.16 -7.27
CA SER A 83 13.31 -12.19 -6.24
C SER A 83 11.79 -12.13 -6.12
N ARG A 84 11.35 -11.20 -5.27
CA ARG A 84 9.91 -11.04 -5.16
C ARG A 84 9.53 -9.62 -5.58
N TYR A 86 6.35 -7.05 -4.55
CA TYR A 86 5.23 -6.90 -3.64
C TYR A 86 4.21 -5.89 -4.15
N VAL A 87 2.94 -6.19 -3.94
CA VAL A 87 1.88 -5.37 -4.50
C VAL A 87 0.64 -5.46 -3.60
N LEU A 88 -0.09 -4.35 -3.52
CA LEU A 88 -1.39 -4.27 -2.88
C LEU A 88 -2.45 -4.26 -3.97
N GLU A 89 -3.34 -5.24 -3.93
CA GLU A 89 -4.42 -5.35 -4.90
C GLU A 89 -5.73 -4.86 -4.29
N GLY A 90 -6.62 -4.39 -5.16
CA GLY A 90 -7.91 -3.88 -4.73
C GLY A 90 -7.89 -2.42 -4.35
N VAL A 91 -6.94 -1.66 -4.88
CA VAL A 91 -6.70 -0.31 -4.39
C VAL A 91 -7.57 0.76 -5.07
N THR A 92 -8.22 0.43 -6.18
CA THR A 92 -8.81 1.48 -7.02
C THR A 92 -9.89 2.31 -6.32
N PRO A 93 -10.90 1.73 -5.64
CA PRO A 93 -11.91 2.59 -5.01
C PRO A 93 -11.36 3.47 -3.91
N CYS A 94 -10.39 2.98 -3.12
CA CYS A 94 -9.79 3.80 -2.07
C CYS A 94 -9.02 4.97 -2.64
N ILE A 95 -8.10 4.70 -3.58
CA ILE A 95 -7.37 5.78 -4.24
C ILE A 95 -8.33 6.78 -4.87
N GLN A 96 -9.36 6.28 -5.55
CA GLN A 96 -10.43 7.15 -6.03
C GLN A 96 -10.95 8.04 -4.91
N SER A 97 -11.25 7.46 -3.75
CA SER A 97 -11.90 8.25 -2.69
C SER A 97 -11.01 9.40 -2.20
N LEU A 100 -7.04 10.93 -5.83
CA LEU A 100 -5.65 10.91 -6.21
C LEU A 100 -5.50 10.57 -7.69
N GLN A 101 -4.39 11.01 -8.27
CA GLN A 101 -3.97 10.60 -9.60
C GLN A 101 -2.46 10.44 -9.55
N ALA A 102 -1.85 10.07 -10.68
CA ALA A 102 -0.43 9.78 -10.69
C ALA A 102 0.37 11.06 -10.48
N GLY A 103 1.57 10.92 -9.96
CA GLY A 103 2.33 12.06 -9.51
C GLY A 103 2.13 12.32 -8.05
N ASP A 104 0.87 12.39 -7.62
CA ASP A 104 0.54 12.45 -6.20
C ASP A 104 1.21 11.31 -5.44
N THR A 105 1.40 11.50 -4.15
CA THR A 105 2.09 10.50 -3.36
C THR A 105 1.19 9.96 -2.27
N VAL A 106 1.33 8.66 -2.02
CA VAL A 106 0.63 7.97 -0.95
C VAL A 106 1.66 7.65 0.11
N THR A 107 1.22 7.66 1.36
CA THR A 107 2.05 7.47 2.54
C THR A 107 1.42 6.43 3.45
N PHE A 108 2.26 5.78 4.26
CA PHE A 108 1.78 4.80 5.23
C PHE A 108 2.33 5.10 6.61
N SER A 109 1.52 4.82 7.62
CA SER A 109 1.93 4.96 9.00
C SER A 109 1.34 3.82 9.82
N ARG A 110 1.77 3.74 11.05
CA ARG A 110 1.30 2.75 11.98
C ARG A 110 0.98 3.38 13.30
N VAL A 111 0.13 2.73 14.03
CA VAL A 111 -0.29 3.19 15.33
C VAL A 111 0.36 2.29 16.38
N ASP A 112 0.98 2.85 17.41
CA ASP A 112 1.78 2.04 18.35
C ASP A 112 1.07 0.89 19.01
N PRO A 113 -0.17 1.07 19.44
CA PRO A 113 -0.87 -0.03 20.09
C PRO A 113 -1.77 -0.74 19.08
N GLY A 114 -1.51 -2.01 18.85
CA GLY A 114 -2.31 -2.76 17.91
C GLY A 114 -1.83 -2.69 16.48
N GLY A 115 -0.92 -1.80 16.17
CA GLY A 115 -0.36 -1.70 14.85
C GLY A 115 -1.26 -1.55 13.68
N LYS A 116 -2.27 -0.69 13.80
CA LYS A 116 -3.17 -0.43 12.70
C LYS A 116 -2.37 0.40 11.73
N LEU A 117 -2.42 0.04 10.45
CA LEU A 117 -1.73 0.69 9.36
C LEU A 117 -2.69 1.69 8.78
N ILE A 118 -2.21 2.91 8.60
CA ILE A 118 -2.99 4.09 8.21
C ILE A 118 -2.46 4.64 6.89
N GLY A 120 -2.13 7.71 4.36
CA GLY A 120 -2.21 9.13 4.06
C GLY A 120 -1.87 9.38 2.60
N SER A 121 -2.05 10.63 2.20
CA SER A 121 -1.75 11.01 0.83
C SER A 121 -1.50 12.51 0.78
N ARG A 122 -0.76 12.93 -0.22
CA ARG A 122 -0.68 14.35 -0.50
C ARG A 122 -0.47 14.55 -1.99
N LYS A 123 -1.13 15.58 -2.54
CA LYS A 123 -1.07 15.89 -3.95
C LYS A 123 0.24 16.61 -4.28
N ALA A 124 0.62 16.57 -5.55
CA ALA A 124 1.88 17.16 -5.96
C ALA A 124 1.69 18.60 -6.45
N ALA A 125 2.78 19.36 -6.40
CA ALA A 125 2.78 20.77 -6.81
C ALA A 125 2.55 20.91 -8.32
#